data_3EBV
#
_entry.id   3EBV
#
_cell.length_a   96.636
_cell.length_b   96.636
_cell.length_c   124.735
_cell.angle_alpha   90.000
_cell.angle_beta   90.000
_cell.angle_gamma   120.000
#
_symmetry.space_group_name_H-M   'H 3'
#
loop_
_entity.id
_entity.type
_entity.pdbx_description
1 polymer 'Chinitase A'
2 non-polymer 'SULFATE ION'
3 water water
#
_entity_poly.entity_id   1
_entity_poly.type   'polypeptide(L)'
_entity_poly.pdbx_seq_one_letter_code
;(MSE)SLKHAVTGYWQNFNNGATVQKISDVPSAYDIIAVAFADATTTPGAVTFNLDSAGLGGYTVDQFKADVRAKQAAGK
KVIISVGGEKGTVSVNSSASATNFANSVYSV(MSE)REYGFDGVDIDLENGLNPTY(MSE)TQALRALSAKAGPD(MSE)
ILT(MSE)APQTID(MSE)QSTQGGYFQTALNVKDILTVVN(MSE)QYYNSGT(MSE)LGCDGKVYAQGTVDFLTALACI
QLEGGLAPSQVGLGLPASTRAAGGGYVSPSVVNAALDCLTKATNCGSFKPSKTYPDLRGA(MSE)TWSTNWDATAGNAWS
NSVGAHVHALEGHHHHHH
;
_entity_poly.pdbx_strand_id   A
#
loop_
_chem_comp.id
_chem_comp.type
_chem_comp.name
_chem_comp.formula
SO4 non-polymer 'SULFATE ION' 'O4 S -2'
#
# COMPACT_ATOMS: atom_id res chain seq x y z
N SER A 2 13.17 -7.94 0.86
CA SER A 2 14.03 -6.73 0.95
C SER A 2 13.21 -5.45 0.70
N LEU A 3 13.80 -4.29 0.94
CA LEU A 3 13.13 -3.05 0.56
C LEU A 3 13.08 -2.95 -0.97
N LYS A 4 14.18 -3.32 -1.65
CA LYS A 4 14.26 -3.25 -3.13
C LYS A 4 13.22 -4.11 -3.88
N HIS A 5 13.11 -5.37 -3.53
CA HIS A 5 11.88 -6.08 -3.92
C HIS A 5 11.13 -6.40 -2.65
N ALA A 6 9.97 -5.78 -2.55
CA ALA A 6 9.25 -5.67 -1.28
C ALA A 6 7.87 -6.27 -1.37
N VAL A 7 7.43 -6.77 -0.20
CA VAL A 7 6.03 -7.14 0.03
C VAL A 7 5.53 -6.21 1.11
N THR A 8 4.45 -5.47 0.83
CA THR A 8 3.80 -4.60 1.84
C THR A 8 2.60 -5.34 2.39
N GLY A 9 2.42 -5.31 3.71
CA GLY A 9 1.20 -5.88 4.30
C GLY A 9 0.53 -4.95 5.26
N TYR A 10 -0.80 -4.88 5.18
CA TYR A 10 -1.56 -4.05 6.14
C TYR A 10 -1.82 -4.81 7.42
N TRP A 11 -1.41 -4.21 8.55
CA TRP A 11 -1.69 -4.81 9.88
C TRP A 11 -2.85 -4.06 10.49
N GLN A 12 -3.89 -4.79 10.91
CA GLN A 12 -5.12 -4.15 11.43
C GLN A 12 -5.05 -3.67 12.88
N ASN A 13 -5.29 -2.39 13.06
CA ASN A 13 -5.47 -1.82 14.43
C ASN A 13 -6.93 -1.93 14.85
N PHE A 14 -7.53 -3.10 14.64
CA PHE A 14 -8.95 -3.29 14.93
C PHE A 14 -9.25 -4.75 14.70
N ASN A 15 -10.38 -5.21 15.23
CA ASN A 15 -10.78 -6.60 15.08
C ASN A 15 -11.98 -6.66 14.13
N ASN A 16 -11.81 -7.34 12.99
CA ASN A 16 -12.89 -7.50 12.01
C ASN A 16 -13.24 -8.98 11.79
N GLY A 17 -12.88 -9.82 12.74
CA GLY A 17 -13.11 -11.24 12.59
C GLY A 17 -11.90 -12.00 12.08
N ALA A 18 -10.91 -11.28 11.50
CA ALA A 18 -9.65 -11.92 11.12
C ALA A 18 -8.83 -12.29 12.35
N THR A 19 -7.76 -13.04 12.15
CA THR A 19 -6.86 -13.39 13.25
C THR A 19 -6.21 -12.16 13.87
N VAL A 20 -6.38 -11.98 15.17
CA VAL A 20 -5.76 -10.85 15.83
C VAL A 20 -4.28 -11.09 15.97
N GLN A 21 -3.49 -10.03 15.69
CA GLN A 21 -2.06 -10.11 15.71
C GLN A 21 -1.43 -8.94 16.44
N LYS A 22 -0.34 -9.20 17.16
CA LYS A 22 0.59 -8.14 17.54
C LYS A 22 1.47 -7.85 16.33
N ILE A 23 2.14 -6.71 16.33
CA ILE A 23 3.12 -6.45 15.27
C ILE A 23 4.16 -7.59 15.22
N SER A 24 4.56 -8.12 16.38
CA SER A 24 5.57 -9.18 16.43
C SER A 24 5.09 -10.49 15.80
N ASP A 25 3.77 -10.63 15.58
CA ASP A 25 3.26 -11.84 14.93
C ASP A 25 3.31 -11.78 13.40
N VAL A 26 3.52 -10.58 12.85
CA VAL A 26 3.51 -10.42 11.39
C VAL A 26 4.64 -11.25 10.76
N PRO A 27 4.30 -12.09 9.76
CA PRO A 27 5.33 -12.89 9.07
C PRO A 27 6.54 -12.13 8.57
N SER A 28 7.68 -12.82 8.57
CA SER A 28 8.93 -12.21 8.14
C SER A 28 8.92 -11.75 6.67
N ALA A 29 8.04 -12.35 5.87
CA ALA A 29 7.94 -11.99 4.44
C ALA A 29 7.63 -10.52 4.22
N TYR A 30 6.97 -9.87 5.19
CA TYR A 30 6.56 -8.50 5.00
C TYR A 30 7.70 -7.52 5.25
N ASP A 31 8.07 -6.80 4.20
CA ASP A 31 9.16 -5.83 4.29
C ASP A 31 8.68 -4.47 4.75
N ILE A 32 7.44 -4.14 4.42
CA ILE A 32 6.82 -2.89 4.82
C ILE A 32 5.51 -3.29 5.47
N ILE A 33 5.31 -2.83 6.70
CA ILE A 33 4.08 -3.09 7.45
C ILE A 33 3.34 -1.78 7.60
N ALA A 34 2.15 -1.70 7.02
CA ALA A 34 1.30 -0.50 7.07
C ALA A 34 0.23 -0.67 8.16
N VAL A 35 0.32 0.18 9.20
CA VAL A 35 -0.59 0.13 10.33
C VAL A 35 -1.92 0.80 9.95
N ALA A 36 -3.01 0.02 9.97
CA ALA A 36 -4.28 0.47 9.49
C ALA A 36 -5.27 0.69 10.66
N PHE A 37 -5.67 1.92 11.03
CA PHE A 37 -5.34 3.18 10.35
C PHE A 37 -5.25 4.29 11.39
N ALA A 38 -4.68 5.42 10.98
CA ALA A 38 -4.84 6.66 11.75
C ALA A 38 -6.31 7.07 11.70
N ASP A 39 -6.75 7.84 12.68
CA ASP A 39 -8.13 8.32 12.80
C ASP A 39 -8.17 9.83 12.38
N ALA A 40 -9.21 10.26 11.67
CA ALA A 40 -9.48 11.71 11.52
C ALA A 40 -9.81 12.34 12.88
N THR A 41 -9.63 13.66 12.99
CA THR A 41 -10.02 14.40 14.22
C THR A 41 -10.97 15.53 13.83
N THR A 42 -11.35 16.37 14.80
CA THR A 42 -12.20 17.51 14.50
C THR A 42 -11.49 18.64 13.77
N THR A 43 -10.15 18.59 13.70
CA THR A 43 -9.33 19.57 12.97
C THR A 43 -9.15 19.10 11.49
N PRO A 44 -9.57 19.93 10.50
CA PRO A 44 -9.47 19.53 9.08
C PRO A 44 -8.06 19.08 8.69
N GLY A 45 -7.95 17.90 8.07
CA GLY A 45 -6.66 17.36 7.63
C GLY A 45 -5.85 16.60 8.66
N ALA A 46 -6.19 16.77 9.96
CA ALA A 46 -5.37 16.23 11.02
C ALA A 46 -5.67 14.76 11.29
N VAL A 47 -4.67 14.02 11.74
CA VAL A 47 -4.92 12.64 12.14
C VAL A 47 -4.36 12.37 13.52
N THR A 48 -4.77 11.25 14.07
CA THR A 48 -4.16 10.76 15.30
C THR A 48 -4.16 9.22 15.21
N PHE A 49 -3.34 8.62 16.07
CA PHE A 49 -3.35 7.18 16.15
C PHE A 49 -3.63 6.75 17.59
N ASN A 50 -4.56 5.81 17.73
CA ASN A 50 -4.92 5.28 19.04
C ASN A 50 -4.88 3.76 18.96
N LEU A 51 -3.86 3.15 19.56
CA LEU A 51 -3.75 1.69 19.56
C LEU A 51 -5.02 1.10 20.15
N ASP A 52 -5.63 0.14 19.44
CA ASP A 52 -6.86 -0.52 19.89
C ASP A 52 -6.54 -1.63 20.91
N SER A 53 -5.97 -1.22 22.04
CA SER A 53 -5.58 -2.15 23.09
C SER A 53 -6.68 -3.13 23.47
N ALA A 54 -7.88 -2.60 23.71
CA ALA A 54 -9.05 -3.40 24.11
C ALA A 54 -9.42 -4.43 23.04
N GLY A 55 -9.57 -4.01 21.79
CA GLY A 55 -9.95 -4.91 20.73
C GLY A 55 -8.86 -5.91 20.33
N LEU A 56 -7.64 -5.65 20.75
CA LEU A 56 -6.49 -6.49 20.37
C LEU A 56 -5.96 -7.32 21.53
N GLY A 57 -6.86 -7.64 22.48
CA GLY A 57 -6.54 -8.55 23.58
C GLY A 57 -5.60 -7.94 24.62
N GLY A 58 -5.69 -6.62 24.78
CA GLY A 58 -4.92 -5.92 25.81
C GLY A 58 -3.48 -5.57 25.45
N TYR A 59 -3.17 -5.61 24.15
CA TYR A 59 -1.88 -5.21 23.62
C TYR A 59 -1.57 -3.78 24.04
N THR A 60 -0.42 -3.56 24.69
CA THR A 60 -0.14 -2.25 25.27
C THR A 60 0.66 -1.35 24.31
N VAL A 61 0.55 -0.04 24.49
CA VAL A 61 1.34 0.93 23.71
C VAL A 61 2.83 0.62 23.82
N ASP A 62 3.31 0.36 25.05
CA ASP A 62 4.72 0.04 25.21
C ASP A 62 5.17 -1.20 24.41
N GLN A 63 4.35 -2.25 24.41
CA GLN A 63 4.68 -3.46 23.68
C GLN A 63 4.63 -3.21 22.15
N PHE A 64 3.63 -2.46 21.72
CA PHE A 64 3.52 -2.05 20.28
C PHE A 64 4.78 -1.29 19.85
N LYS A 65 5.16 -0.27 20.63
CA LYS A 65 6.38 0.46 20.33
C LYS A 65 7.62 -0.41 20.27
N ALA A 66 7.71 -1.37 21.22
CA ALA A 66 8.84 -2.30 21.25
C ALA A 66 8.87 -3.22 20.02
N ASP A 67 7.68 -3.69 19.65
CA ASP A 67 7.51 -4.56 18.49
C ASP A 67 7.90 -3.81 17.20
N VAL A 68 7.49 -2.54 17.08
CA VAL A 68 7.92 -1.71 15.95
C VAL A 68 9.45 -1.61 15.88
N ARG A 69 10.09 -1.31 17.01
CA ARG A 69 11.55 -1.20 17.07
CA ARG A 69 11.54 -1.19 17.07
C ARG A 69 12.21 -2.51 16.66
N ALA A 70 11.67 -3.64 17.14
CA ALA A 70 12.24 -4.94 16.78
C ALA A 70 12.12 -5.24 15.28
N LYS A 71 10.98 -4.87 14.68
CA LYS A 71 10.83 -5.04 13.22
C LYS A 71 11.88 -4.22 12.49
N GLN A 72 12.08 -2.98 12.96
CA GLN A 72 13.07 -2.10 12.32
C GLN A 72 14.51 -2.60 12.45
N ALA A 73 14.83 -3.18 13.60
CA ALA A 73 16.15 -3.79 13.83
C ALA A 73 16.38 -4.95 12.86
N ALA A 74 15.28 -5.61 12.46
CA ALA A 74 15.33 -6.71 11.49
C ALA A 74 15.27 -6.22 10.03
N GLY A 75 15.33 -4.90 9.84
CA GLY A 75 15.39 -4.31 8.51
C GLY A 75 14.02 -4.01 7.88
N LYS A 76 12.94 -4.19 8.65
CA LYS A 76 11.60 -3.89 8.11
C LYS A 76 11.27 -2.41 8.28
N LYS A 77 10.26 -1.95 7.56
CA LYS A 77 9.77 -0.57 7.74
C LYS A 77 8.36 -0.68 8.27
N VAL A 78 7.98 0.22 9.17
CA VAL A 78 6.61 0.23 9.68
C VAL A 78 6.08 1.63 9.48
N ILE A 79 4.97 1.76 8.75
CA ILE A 79 4.43 3.06 8.43
C ILE A 79 2.99 3.17 8.90
N ILE A 80 2.49 4.40 9.05
CA ILE A 80 1.10 4.63 9.43
C ILE A 80 0.24 4.87 8.18
N SER A 81 -0.87 4.12 8.06
CA SER A 81 -1.77 4.34 6.93
C SER A 81 -2.88 5.27 7.32
N VAL A 82 -3.17 6.25 6.48
CA VAL A 82 -4.28 7.18 6.68
CA VAL A 82 -4.28 7.17 6.69
C VAL A 82 -5.44 6.85 5.76
N GLY A 83 -6.65 6.79 6.29
CA GLY A 83 -7.82 6.59 5.44
C GLY A 83 -8.52 5.30 5.74
N GLY A 84 -8.56 4.44 4.73
CA GLY A 84 -9.29 3.20 4.85
C GLY A 84 -10.71 3.40 4.39
N GLU A 85 -11.44 2.29 4.21
CA GLU A 85 -12.81 2.35 3.69
C GLU A 85 -13.68 3.36 4.44
N LYS A 86 -13.55 3.36 5.76
CA LYS A 86 -14.39 4.24 6.59
C LYS A 86 -13.76 5.57 7.00
N GLY A 87 -12.63 5.91 6.39
CA GLY A 87 -11.89 7.14 6.77
C GLY A 87 -12.66 8.40 6.40
N THR A 88 -12.44 9.47 7.19
CA THR A 88 -13.04 10.76 6.89
C THR A 88 -12.00 11.89 6.86
N VAL A 89 -10.73 11.58 6.58
CA VAL A 89 -9.69 12.62 6.45
C VAL A 89 -9.85 13.39 5.13
N SER A 90 -9.77 14.72 5.16
CA SER A 90 -9.82 15.57 3.93
C SER A 90 -8.62 16.51 3.91
N VAL A 91 -7.94 16.56 2.76
CA VAL A 91 -6.77 17.46 2.58
C VAL A 91 -7.08 18.26 1.31
N ASN A 92 -7.73 19.41 1.51
CA ASN A 92 -8.28 20.17 0.39
C ASN A 92 -8.14 21.69 0.59
N SER A 93 -7.13 22.08 1.36
CA SER A 93 -6.86 23.51 1.59
C SER A 93 -5.43 23.61 2.09
N SER A 94 -4.86 24.83 2.15
CA SER A 94 -3.56 24.98 2.73
C SER A 94 -3.54 24.61 4.22
N ALA A 95 -4.54 25.08 4.94
CA ALA A 95 -4.62 24.79 6.37
C ALA A 95 -4.68 23.27 6.66
N SER A 96 -5.52 22.57 5.90
CA SER A 96 -5.65 21.10 6.10
C SER A 96 -4.39 20.37 5.64
N ALA A 97 -3.75 20.85 4.57
CA ALA A 97 -2.43 20.32 4.20
C ALA A 97 -1.35 20.45 5.33
N THR A 98 -1.28 21.65 5.95
CA THR A 98 -0.38 21.86 7.08
C THR A 98 -0.76 21.01 8.30
N ASN A 99 -2.06 20.91 8.58
CA ASN A 99 -2.53 20.07 9.70
C ASN A 99 -2.20 18.59 9.45
N PHE A 100 -2.31 18.16 8.20
CA PHE A 100 -1.95 16.79 7.88
C PHE A 100 -0.48 16.54 8.10
N ALA A 101 0.38 17.39 7.52
CA ALA A 101 1.83 17.21 7.70
C ALA A 101 2.24 17.24 9.17
N ASN A 102 1.71 18.22 9.90
CA ASN A 102 2.05 18.34 11.33
C ASN A 102 1.63 17.11 12.14
N SER A 103 0.40 16.66 11.92
CA SER A 103 -0.14 15.57 12.72
C SER A 103 0.46 14.22 12.34
N VAL A 104 0.63 13.98 11.02
CA VAL A 104 1.30 12.75 10.63
C VAL A 104 2.73 12.68 11.19
N TYR A 105 3.47 13.79 11.12
CA TYR A 105 4.83 13.76 11.63
C TYR A 105 4.84 13.54 13.18
N SER A 106 3.89 14.13 13.87
CA SER A 106 3.74 13.94 15.33
C SER A 106 3.50 12.46 15.63
N VAL A 107 2.64 11.82 14.84
CA VAL A 107 2.36 10.38 15.03
C VAL A 107 3.58 9.53 14.73
N MSE A 108 4.28 9.88 13.64
CA MSE A 108 5.49 9.17 13.31
C MSE A 108 6.53 9.24 14.43
O MSE A 108 7.10 8.22 14.81
CB MSE A 108 6.08 9.74 12.01
CG MSE A 108 5.27 9.35 10.76
SE MSE A 108 5.99 10.35 9.19
CE MSE A 108 7.86 9.83 9.28
N ARG A 109 6.75 10.44 14.96
CA ARG A 109 7.75 10.61 16.01
C ARG A 109 7.34 9.94 17.31
N GLU A 110 6.05 9.97 17.64
CA GLU A 110 5.56 9.34 18.87
C GLU A 110 5.76 7.82 18.88
N TYR A 111 5.49 7.17 17.74
CA TYR A 111 5.53 5.69 17.71
C TYR A 111 6.74 5.14 17.01
N GLY A 112 7.55 6.00 16.40
CA GLY A 112 8.71 5.58 15.67
C GLY A 112 8.45 5.08 14.24
N PHE A 113 7.36 5.52 13.63
CA PHE A 113 7.06 5.05 12.27
C PHE A 113 8.03 5.62 11.25
N ASP A 114 8.32 4.83 10.20
CA ASP A 114 9.24 5.22 9.14
C ASP A 114 8.63 6.15 8.09
N GLY A 115 7.32 6.37 8.14
CA GLY A 115 6.64 7.13 7.10
C GLY A 115 5.17 6.86 7.11
N VAL A 116 4.54 7.08 5.93
CA VAL A 116 3.11 7.18 5.84
C VAL A 116 2.66 6.45 4.57
N ASP A 117 1.43 5.90 4.65
CA ASP A 117 0.74 5.32 3.47
C ASP A 117 -0.52 6.11 3.26
N ILE A 118 -0.72 6.59 2.04
CA ILE A 118 -1.92 7.36 1.71
C ILE A 118 -3.00 6.44 1.18
N ASP A 119 -4.04 6.26 1.95
CA ASP A 119 -5.14 5.40 1.60
C ASP A 119 -6.49 6.10 1.84
N LEU A 120 -6.55 7.37 1.46
CA LEU A 120 -7.84 8.09 1.48
C LEU A 120 -8.74 7.49 0.38
N GLU A 121 -9.96 7.13 0.77
CA GLU A 121 -10.95 6.60 -0.19
C GLU A 121 -12.15 7.49 -0.38
N ASN A 122 -12.06 8.70 0.21
CA ASN A 122 -13.17 9.66 0.19
C ASN A 122 -12.81 10.89 -0.62
N GLY A 123 -11.82 10.74 -1.50
CA GLY A 123 -11.37 11.82 -2.38
C GLY A 123 -9.89 12.09 -2.19
N LEU A 124 -9.24 12.57 -3.25
CA LEU A 124 -7.82 12.93 -3.20
C LEU A 124 -7.65 14.18 -4.07
N ASN A 125 -7.24 15.28 -3.43
CA ASN A 125 -7.09 16.56 -4.16
C ASN A 125 -5.58 16.75 -4.41
N PRO A 126 -5.13 16.66 -5.68
CA PRO A 126 -3.67 16.71 -5.91
C PRO A 126 -3.03 18.06 -5.57
N THR A 127 -3.82 19.15 -5.66
CA THR A 127 -3.24 20.46 -5.34
C THR A 127 -2.81 20.43 -3.88
N TYR A 128 -3.69 19.95 -2.98
CA TYR A 128 -3.42 20.10 -1.53
C TYR A 128 -2.68 18.89 -0.94
N MSE A 129 -2.90 17.70 -1.51
CA MSE A 129 -2.12 16.59 -1.03
C MSE A 129 -0.63 16.70 -1.44
O MSE A 129 0.27 16.28 -0.69
CB MSE A 129 -2.68 15.24 -1.55
CG MSE A 129 -1.93 13.99 -0.99
SE MSE A 129 -1.81 13.90 1.01
CE MSE A 129 -3.64 13.27 1.39
N THR A 130 -0.34 17.28 -2.62
CA THR A 130 1.07 17.49 -2.99
C THR A 130 1.71 18.48 -1.99
N GLN A 131 0.99 19.56 -1.69
CA GLN A 131 1.51 20.53 -0.72
C GLN A 131 1.75 19.85 0.63
N ALA A 132 0.77 19.05 1.05
CA ALA A 132 0.87 18.36 2.36
C ALA A 132 2.08 17.42 2.41
N LEU A 133 2.26 16.65 1.34
CA LEU A 133 3.36 15.69 1.32
C LEU A 133 4.75 16.39 1.29
N ARG A 134 4.84 17.52 0.57
CA ARG A 134 6.12 18.26 0.61
C ARG A 134 6.39 18.82 2.00
N ALA A 135 5.34 19.32 2.65
CA ALA A 135 5.51 19.82 4.05
C ALA A 135 5.98 18.70 4.98
N LEU A 136 5.36 17.52 4.83
CA LEU A 136 5.74 16.35 5.63
C LEU A 136 7.14 15.89 5.33
N SER A 137 7.50 15.80 4.04
CA SER A 137 8.85 15.43 3.65
C SER A 137 9.93 16.39 4.23
N ALA A 138 9.60 17.68 4.25
CA ALA A 138 10.54 18.69 4.82
C ALA A 138 10.82 18.36 6.29
N LYS A 139 9.83 17.86 7.02
CA LYS A 139 10.01 17.47 8.44
C LYS A 139 10.76 16.17 8.63
N ALA A 140 10.42 15.16 7.82
CA ALA A 140 10.90 13.82 8.04
C ALA A 140 12.20 13.48 7.29
N GLY A 141 12.50 14.23 6.22
CA GLY A 141 13.73 13.99 5.48
C GLY A 141 13.64 12.95 4.36
N PRO A 142 14.73 12.77 3.61
CA PRO A 142 14.71 11.90 2.44
C PRO A 142 14.62 10.40 2.70
N ASP A 143 14.75 9.97 3.95
CA ASP A 143 14.65 8.53 4.23
C ASP A 143 13.20 8.13 4.46
N MSE A 144 12.29 9.09 4.48
CA MSE A 144 10.88 8.78 4.78
C MSE A 144 10.31 7.79 3.75
O MSE A 144 10.55 7.91 2.54
CB MSE A 144 10.01 10.03 4.80
CG MSE A 144 8.61 9.74 5.35
SE MSE A 144 7.46 11.26 5.32
CE MSE A 144 7.25 11.43 3.37
N ILE A 145 9.62 6.79 4.25
CA ILE A 145 8.88 5.86 3.37
C ILE A 145 7.54 6.52 3.05
N LEU A 146 7.20 6.52 1.74
CA LEU A 146 5.93 7.13 1.32
C LEU A 146 5.30 6.14 0.35
N THR A 147 4.15 5.59 0.76
CA THR A 147 3.42 4.69 -0.15
C THR A 147 2.02 5.25 -0.38
N MSE A 148 1.34 4.75 -1.42
CA MSE A 148 -0.05 5.14 -1.70
C MSE A 148 -0.77 3.89 -2.13
O MSE A 148 -0.15 3.04 -2.79
CB MSE A 148 -0.13 6.18 -2.81
CG MSE A 148 0.79 7.39 -2.53
SE MSE A 148 0.60 8.73 -3.98
CE MSE A 148 -0.84 9.78 -3.16
N ALA A 149 -2.05 3.81 -1.79
CA ALA A 149 -2.88 2.64 -2.11
C ALA A 149 -4.16 3.10 -2.82
N PRO A 150 -4.01 3.66 -4.03
CA PRO A 150 -5.20 4.07 -4.80
C PRO A 150 -6.11 2.88 -5.12
N GLN A 151 -7.38 3.20 -5.36
CA GLN A 151 -8.29 2.25 -6.00
C GLN A 151 -8.07 2.32 -7.52
N THR A 152 -8.60 1.31 -8.25
CA THR A 152 -8.30 1.28 -9.67
C THR A 152 -8.79 2.54 -10.40
N ILE A 153 -9.92 3.09 -9.96
CA ILE A 153 -10.47 4.30 -10.61
C ILE A 153 -9.54 5.51 -10.47
N ASP A 154 -8.57 5.42 -9.55
CA ASP A 154 -7.68 6.56 -9.29
C ASP A 154 -6.41 6.56 -10.16
N MSE A 155 -6.17 5.48 -10.92
CA MSE A 155 -4.95 5.38 -11.73
C MSE A 155 -5.26 4.93 -13.16
O MSE A 155 -4.40 4.32 -13.81
CB MSE A 155 -3.97 4.37 -11.10
CG MSE A 155 -3.62 4.59 -9.61
SE MSE A 155 -2.47 6.17 -9.33
CE MSE A 155 -0.84 5.47 -10.03
N GLN A 156 -6.43 5.29 -13.66
CA GLN A 156 -6.82 4.93 -15.04
C GLN A 156 -6.13 5.81 -16.08
N SER A 157 -5.65 6.97 -15.64
CA SER A 157 -4.79 7.80 -16.48
C SER A 157 -3.97 8.68 -15.57
N THR A 158 -3.02 9.39 -16.17
CA THR A 158 -2.14 10.29 -15.42
C THR A 158 -2.90 11.47 -14.86
N GLN A 159 -4.15 11.62 -15.28
CA GLN A 159 -5.05 12.65 -14.77
C GLN A 159 -5.76 12.28 -13.47
N GLY A 160 -5.71 11.01 -13.05
CA GLY A 160 -6.37 10.64 -11.78
C GLY A 160 -5.73 11.42 -10.64
N GLY A 161 -6.50 11.72 -9.59
CA GLY A 161 -5.94 12.51 -8.47
C GLY A 161 -4.76 11.84 -7.82
N TYR A 162 -4.86 10.55 -7.49
CA TYR A 162 -3.69 9.83 -6.99
C TYR A 162 -2.52 9.84 -7.99
N PHE A 163 -2.80 9.65 -9.28
CA PHE A 163 -1.75 9.53 -10.25
C PHE A 163 -1.01 10.87 -10.36
N GLN A 164 -1.77 11.97 -10.43
CA GLN A 164 -1.14 13.31 -10.54
C GLN A 164 -0.28 13.57 -9.31
N THR A 165 -0.80 13.19 -8.13
CA THR A 165 -0.05 13.39 -6.88
C THR A 165 1.22 12.59 -6.90
N ALA A 166 1.09 11.30 -7.24
CA ALA A 166 2.24 10.41 -7.31
C ALA A 166 3.36 10.99 -8.22
N LEU A 167 2.96 11.47 -9.41
CA LEU A 167 3.93 12.08 -10.32
C LEU A 167 4.55 13.35 -9.71
N ASN A 168 3.71 14.16 -9.05
CA ASN A 168 4.21 15.43 -8.49
C ASN A 168 5.27 15.16 -7.45
N VAL A 169 5.09 14.05 -6.70
CA VAL A 169 6.05 13.71 -5.62
C VAL A 169 6.94 12.52 -5.95
N LYS A 170 7.18 12.28 -7.25
CA LYS A 170 7.89 11.08 -7.66
CA LYS A 170 7.86 11.04 -7.62
C LYS A 170 9.25 10.90 -6.99
N ASP A 171 9.95 12.02 -6.78
CA ASP A 171 11.30 11.94 -6.19
C ASP A 171 11.31 11.57 -4.69
N ILE A 172 10.14 11.55 -4.04
CA ILE A 172 10.07 11.12 -2.62
C ILE A 172 9.15 9.92 -2.41
N LEU A 173 8.61 9.38 -3.51
CA LEU A 173 7.63 8.29 -3.48
C LEU A 173 8.34 6.94 -3.46
N THR A 174 7.97 6.09 -2.49
CA THR A 174 8.52 4.73 -2.43
C THR A 174 7.79 3.80 -3.43
N VAL A 175 6.48 3.62 -3.21
CA VAL A 175 5.73 2.71 -4.09
C VAL A 175 4.25 3.01 -4.03
N VAL A 176 3.63 2.87 -5.22
CA VAL A 176 2.16 2.89 -5.36
C VAL A 176 1.72 1.44 -5.36
N ASN A 177 1.12 1.01 -4.26
CA ASN A 177 0.52 -0.34 -4.16
C ASN A 177 -0.98 -0.22 -4.47
N MSE A 178 -1.33 -0.15 -5.75
CA MSE A 178 -2.76 -0.03 -6.06
C MSE A 178 -3.54 -1.26 -5.58
O MSE A 178 -2.99 -2.37 -5.49
CB MSE A 178 -2.98 0.17 -7.59
CG MSE A 178 -4.46 0.39 -7.91
SE MSE A 178 -4.61 1.06 -9.76
CE MSE A 178 -4.24 -0.55 -10.74
N GLN A 179 -4.82 -1.02 -5.26
CA GLN A 179 -5.71 -2.08 -4.81
C GLN A 179 -6.38 -2.67 -6.07
N TYR A 180 -5.81 -3.78 -6.56
CA TYR A 180 -6.36 -4.42 -7.78
C TYR A 180 -7.55 -5.33 -7.41
N TYR A 181 -8.50 -4.75 -6.65
CA TYR A 181 -9.60 -5.56 -6.08
C TYR A 181 -10.70 -4.64 -5.60
N ASN A 182 -11.83 -5.27 -5.25
CA ASN A 182 -13.11 -4.52 -5.03
C ASN A 182 -13.39 -3.56 -6.17
N SER A 183 -13.18 -4.03 -7.39
CA SER A 183 -13.20 -3.17 -8.57
C SER A 183 -14.15 -3.67 -9.66
N GLY A 184 -14.86 -2.73 -10.28
CA GLY A 184 -15.55 -2.99 -11.53
C GLY A 184 -14.52 -3.17 -12.65
N THR A 185 -15.00 -3.48 -13.84
CA THR A 185 -14.08 -3.59 -14.98
C THR A 185 -13.39 -2.24 -15.23
N MSE A 186 -12.18 -2.34 -15.78
CA MSE A 186 -11.34 -1.19 -16.00
C MSE A 186 -10.62 -1.30 -17.34
O MSE A 186 -10.48 -2.40 -17.86
CB MSE A 186 -10.25 -1.15 -14.91
CG MSE A 186 -10.82 -0.87 -13.51
SE MSE A 186 -11.34 1.02 -13.35
CE MSE A 186 -12.90 0.79 -12.16
N LEU A 187 -10.15 -0.18 -17.86
CA LEU A 187 -9.35 -0.21 -19.10
C LEU A 187 -7.88 -0.53 -18.76
N GLY A 188 -7.22 -1.30 -19.61
CA GLY A 188 -5.77 -1.45 -19.49
C GLY A 188 -5.03 -0.44 -20.33
N CYS A 189 -3.69 -0.53 -20.34
CA CYS A 189 -2.93 0.49 -21.09
C CYS A 189 -3.13 0.39 -22.60
N ASP A 190 -3.70 -0.74 -23.04
CA ASP A 190 -4.03 -0.96 -24.46
C ASP A 190 -5.44 -0.48 -24.82
N GLY A 191 -6.18 0.09 -23.87
CA GLY A 191 -7.52 0.59 -24.12
C GLY A 191 -8.60 -0.46 -24.12
N LYS A 192 -8.25 -1.68 -23.70
CA LYS A 192 -9.23 -2.80 -23.66
C LYS A 192 -9.77 -2.99 -22.25
N VAL A 193 -10.95 -3.58 -22.12
CA VAL A 193 -11.61 -3.77 -20.82
C VAL A 193 -11.16 -5.07 -20.18
N TYR A 194 -10.74 -4.99 -18.93
CA TYR A 194 -10.32 -6.15 -18.16
C TYR A 194 -11.11 -6.22 -16.86
N ALA A 195 -11.16 -7.44 -16.33
CA ALA A 195 -11.93 -7.72 -15.11
C ALA A 195 -11.05 -8.19 -13.97
N GLN A 196 -11.43 -7.81 -12.74
CA GLN A 196 -10.66 -8.24 -11.57
C GLN A 196 -10.62 -9.76 -11.45
N GLY A 197 -9.62 -10.26 -10.72
CA GLY A 197 -9.51 -11.70 -10.54
C GLY A 197 -8.82 -12.44 -11.67
N THR A 198 -8.12 -11.70 -12.54
CA THR A 198 -7.42 -12.31 -13.67
C THR A 198 -5.98 -11.79 -13.74
N VAL A 199 -5.06 -12.58 -14.30
CA VAL A 199 -3.68 -12.10 -14.45
C VAL A 199 -3.66 -10.82 -15.32
N ASP A 200 -4.50 -10.72 -16.36
CA ASP A 200 -4.47 -9.58 -17.26
C ASP A 200 -4.90 -8.28 -16.57
N PHE A 201 -5.81 -8.37 -15.60
CA PHE A 201 -6.19 -7.14 -14.85
C PHE A 201 -4.95 -6.59 -14.16
N LEU A 202 -4.13 -7.46 -13.60
CA LEU A 202 -2.91 -7.01 -12.92
C LEU A 202 -1.93 -6.39 -13.91
N THR A 203 -1.63 -7.14 -14.99
CA THR A 203 -0.58 -6.66 -15.89
C THR A 203 -0.99 -5.47 -16.74
N ALA A 204 -2.20 -5.50 -17.28
CA ALA A 204 -2.68 -4.41 -18.12
C ALA A 204 -2.91 -3.10 -17.40
N LEU A 205 -3.33 -3.18 -16.12
CA LEU A 205 -3.51 -1.94 -15.36
C LEU A 205 -2.17 -1.48 -14.78
N ALA A 206 -1.29 -2.38 -14.34
CA ALA A 206 0.06 -1.96 -13.90
C ALA A 206 0.78 -1.26 -15.05
N CYS A 207 0.57 -1.73 -16.26
CA CYS A 207 1.17 -1.11 -17.45
C CYS A 207 0.85 0.40 -17.56
N ILE A 208 -0.35 0.81 -17.17
CA ILE A 208 -0.69 2.23 -17.28
C ILE A 208 0.29 3.04 -16.40
N GLN A 209 0.60 2.52 -15.20
CA GLN A 209 1.57 3.20 -14.31
C GLN A 209 2.98 3.16 -14.88
N LEU A 210 3.39 1.99 -15.36
CA LEU A 210 4.76 1.78 -15.87
C LEU A 210 5.04 2.56 -17.14
N GLU A 211 4.01 2.80 -17.93
CA GLU A 211 4.14 3.61 -19.16
C GLU A 211 3.79 5.08 -18.91
N GLY A 212 3.33 5.43 -17.69
CA GLY A 212 2.80 6.75 -17.45
C GLY A 212 3.64 7.64 -16.56
N GLY A 213 4.90 7.26 -16.37
CA GLY A 213 5.87 8.14 -15.70
C GLY A 213 6.33 7.70 -14.32
N LEU A 214 5.82 6.60 -13.81
CA LEU A 214 6.32 6.01 -12.54
C LEU A 214 7.43 5.03 -12.84
N ALA A 215 8.47 5.03 -12.01
CA ALA A 215 9.55 4.05 -12.16
C ALA A 215 9.05 2.63 -11.77
N PRO A 216 9.66 1.58 -12.32
CA PRO A 216 9.23 0.23 -11.94
C PRO A 216 9.29 0.02 -10.42
N SER A 217 10.30 0.59 -9.75
CA SER A 217 10.39 0.43 -8.31
C SER A 217 9.26 1.12 -7.58
N GLN A 218 8.45 1.90 -8.30
CA GLN A 218 7.36 2.63 -7.66
C GLN A 218 5.98 1.98 -7.93
N VAL A 219 5.98 0.75 -8.48
CA VAL A 219 4.72 0.07 -8.81
C VAL A 219 4.66 -1.29 -8.09
N GLY A 220 3.60 -1.46 -7.29
CA GLY A 220 3.39 -2.72 -6.52
C GLY A 220 1.98 -3.26 -6.81
N LEU A 221 1.86 -4.60 -6.82
CA LEU A 221 0.57 -5.25 -7.11
C LEU A 221 -0.13 -5.56 -5.77
N GLY A 222 -1.21 -4.82 -5.47
CA GLY A 222 -1.96 -5.04 -4.21
C GLY A 222 -3.18 -5.96 -4.44
N LEU A 223 -3.25 -7.01 -3.61
CA LEU A 223 -4.33 -8.02 -3.75
C LEU A 223 -4.90 -8.35 -2.37
N PRO A 224 -6.12 -8.93 -2.36
CA PRO A 224 -6.65 -9.44 -1.07
C PRO A 224 -5.87 -10.71 -0.68
N ALA A 225 -5.66 -10.89 0.62
CA ALA A 225 -4.90 -12.06 1.09
C ALA A 225 -5.65 -13.39 0.90
N SER A 226 -6.97 -13.29 0.89
CA SER A 226 -7.86 -14.46 0.84
C SER A 226 -9.23 -14.00 0.34
N THR A 227 -10.15 -14.94 0.07
CA THR A 227 -11.50 -14.52 -0.34
C THR A 227 -12.28 -13.83 0.78
N ARG A 228 -11.78 -13.98 2.02
CA ARG A 228 -12.43 -13.31 3.17
C ARG A 228 -12.06 -11.83 3.27
N ALA A 229 -10.98 -11.45 2.58
CA ALA A 229 -10.37 -10.13 2.75
C ALA A 229 -10.98 -9.02 1.89
N ALA A 230 -11.78 -9.40 0.91
CA ALA A 230 -12.37 -8.44 -0.01
C ALA A 230 -13.64 -9.03 -0.63
N GLY A 231 -14.50 -8.17 -1.16
CA GLY A 231 -15.74 -8.60 -1.79
C GLY A 231 -15.52 -9.19 -3.17
N GLY A 232 -14.37 -8.86 -3.77
CA GLY A 232 -14.02 -9.41 -5.08
C GLY A 232 -12.58 -9.08 -5.40
N GLY A 233 -12.01 -9.82 -6.36
CA GLY A 233 -10.64 -9.58 -6.82
C GLY A 233 -9.57 -10.47 -6.24
N TYR A 234 -9.91 -11.36 -5.28
CA TYR A 234 -8.92 -12.33 -4.82
C TYR A 234 -8.40 -13.15 -6.00
N VAL A 235 -7.09 -13.38 -6.04
CA VAL A 235 -6.51 -14.38 -6.97
C VAL A 235 -5.57 -15.31 -6.20
N SER A 236 -5.40 -16.54 -6.70
CA SER A 236 -4.42 -17.43 -6.10
CA SER A 236 -4.42 -17.43 -6.12
C SER A 236 -3.03 -16.79 -6.14
N PRO A 237 -2.18 -17.12 -5.16
CA PRO A 237 -0.81 -16.60 -5.22
C PRO A 237 -0.12 -16.91 -6.58
N SER A 238 -0.40 -18.07 -7.17
CA SER A 238 0.23 -18.38 -8.47
C SER A 238 -0.12 -17.32 -9.52
N VAL A 239 -1.32 -16.72 -9.43
CA VAL A 239 -1.72 -15.65 -10.37
C VAL A 239 -0.90 -14.37 -10.12
N VAL A 240 -0.74 -13.99 -8.85
CA VAL A 240 0.10 -12.84 -8.53
C VAL A 240 1.52 -13.10 -9.07
N ASN A 241 2.05 -14.29 -8.81
CA ASN A 241 3.44 -14.62 -9.24
C ASN A 241 3.54 -14.61 -10.77
N ALA A 242 2.50 -15.09 -11.45
CA ALA A 242 2.50 -15.00 -12.91
C ALA A 242 2.54 -13.55 -13.40
N ALA A 243 1.73 -12.69 -12.78
CA ALA A 243 1.74 -11.29 -13.20
C ALA A 243 3.12 -10.66 -12.97
N LEU A 244 3.72 -10.97 -11.82
CA LEU A 244 5.08 -10.47 -11.52
C LEU A 244 6.06 -10.95 -12.60
N ASP A 245 5.97 -12.24 -12.95
CA ASP A 245 6.83 -12.81 -14.02
C ASP A 245 6.58 -12.08 -15.32
N CYS A 246 5.31 -11.86 -15.63
CA CYS A 246 4.99 -11.27 -16.93
C CYS A 246 5.60 -9.88 -17.08
N LEU A 247 5.44 -9.07 -16.03
CA LEU A 247 5.96 -7.70 -16.06
C LEU A 247 7.48 -7.67 -15.99
N THR A 248 8.08 -8.53 -15.17
CA THR A 248 9.55 -8.42 -14.92
C THR A 248 10.40 -9.15 -15.96
N LYS A 249 9.87 -10.24 -16.51
CA LYS A 249 10.74 -11.09 -17.35
CA LYS A 249 10.67 -11.21 -17.26
C LYS A 249 10.04 -11.70 -18.55
N ALA A 250 8.83 -11.22 -18.85
CA ALA A 250 8.12 -11.65 -20.06
C ALA A 250 7.82 -13.14 -20.06
N THR A 251 7.52 -13.70 -18.91
CA THR A 251 7.03 -15.07 -18.85
C THR A 251 5.71 -15.13 -18.11
N ASN A 252 4.91 -16.15 -18.38
CA ASN A 252 3.64 -16.39 -17.67
C ASN A 252 2.60 -15.29 -17.87
N CYS A 253 2.71 -14.56 -18.99
CA CYS A 253 1.64 -13.60 -19.31
C CYS A 253 0.32 -14.29 -19.68
N GLY A 254 -0.78 -13.55 -19.46
CA GLY A 254 -2.10 -13.98 -19.98
C GLY A 254 -2.23 -13.46 -21.42
N SER A 255 -3.43 -13.09 -21.85
CA SER A 255 -3.57 -12.53 -23.21
C SER A 255 -2.83 -11.19 -23.38
N PHE A 256 -2.72 -10.43 -22.28
CA PHE A 256 -2.07 -9.13 -22.35
C PHE A 256 -0.55 -9.26 -22.21
N LYS A 257 0.13 -8.75 -23.24
CA LYS A 257 1.60 -8.76 -23.24
C LYS A 257 2.14 -7.34 -23.18
N PRO A 258 2.79 -6.98 -22.02
CA PRO A 258 3.40 -5.67 -22.00
C PRO A 258 4.42 -5.50 -23.13
N SER A 259 4.62 -4.27 -23.59
CA SER A 259 5.61 -4.07 -24.64
CA SER A 259 5.60 -4.08 -24.66
C SER A 259 7.02 -4.26 -24.16
N LYS A 260 7.25 -3.99 -22.87
CA LYS A 260 8.59 -4.04 -22.29
C LYS A 260 8.65 -4.98 -21.09
N THR A 261 9.87 -5.21 -20.59
CA THR A 261 10.06 -5.85 -19.29
C THR A 261 10.51 -4.77 -18.32
N TYR A 262 10.18 -5.00 -17.05
CA TYR A 262 10.41 -4.04 -15.97
C TYR A 262 11.00 -4.81 -14.79
N PRO A 263 12.28 -5.24 -14.88
CA PRO A 263 12.86 -6.12 -13.86
C PRO A 263 12.90 -5.51 -12.46
N ASP A 264 12.90 -4.17 -12.36
CA ASP A 264 12.95 -3.52 -11.02
C ASP A 264 11.58 -3.27 -10.41
N LEU A 265 10.55 -3.90 -10.97
CA LEU A 265 9.18 -3.81 -10.39
C LEU A 265 9.28 -4.03 -8.88
N ARG A 266 8.61 -3.18 -8.09
CA ARG A 266 8.86 -3.25 -6.64
C ARG A 266 8.47 -4.60 -6.04
N GLY A 267 7.23 -5.05 -6.32
CA GLY A 267 6.72 -6.26 -5.67
C GLY A 267 5.22 -6.25 -5.54
N ALA A 268 4.76 -6.61 -4.34
CA ALA A 268 3.33 -6.86 -4.13
C ALA A 268 2.91 -6.33 -2.79
N MSE A 269 1.60 -6.30 -2.60
CA MSE A 269 1.01 -5.78 -1.35
C MSE A 269 -0.21 -6.63 -1.05
O MSE A 269 -0.87 -7.15 -1.97
CB MSE A 269 0.59 -4.31 -1.54
CG MSE A 269 -0.19 -3.73 -0.35
SE MSE A 269 -2.15 -4.10 -0.50
CE MSE A 269 -2.72 -2.47 -1.43
N THR A 270 -0.55 -6.79 0.25
CA THR A 270 -1.85 -7.42 0.55
C THR A 270 -2.61 -6.78 1.73
N TRP A 271 -3.93 -6.77 1.53
CA TRP A 271 -4.88 -6.52 2.64
C TRP A 271 -5.38 -7.90 3.04
N SER A 272 -5.06 -8.42 4.24
CA SER A 272 -4.25 -7.82 5.30
C SER A 272 -3.40 -8.96 5.90
N THR A 273 -2.44 -8.63 6.73
CA THR A 273 -1.65 -9.67 7.43
C THR A 273 -2.60 -10.57 8.26
N ASN A 274 -3.64 -9.95 8.79
CA ASN A 274 -4.60 -10.71 9.67
C ASN A 274 -5.36 -11.73 8.88
N TRP A 275 -5.87 -11.33 7.71
CA TRP A 275 -6.56 -12.29 6.86
C TRP A 275 -5.56 -13.34 6.32
N ASP A 276 -4.32 -12.93 6.04
CA ASP A 276 -3.30 -13.91 5.59
C ASP A 276 -3.13 -15.02 6.67
N ALA A 277 -3.09 -14.60 7.93
CA ALA A 277 -2.91 -15.53 9.08
C ALA A 277 -4.12 -16.46 9.20
N THR A 278 -5.33 -15.91 9.06
CA THR A 278 -6.53 -16.76 9.06
C THR A 278 -6.42 -17.85 8.00
N ALA A 279 -5.79 -17.49 6.86
CA ALA A 279 -5.63 -18.43 5.74
C ALA A 279 -4.25 -19.13 5.76
N GLY A 280 -3.66 -19.30 6.94
CA GLY A 280 -2.45 -20.16 7.08
C GLY A 280 -1.18 -19.57 6.50
N ASN A 281 -1.21 -18.25 6.25
CA ASN A 281 -0.05 -17.54 5.65
C ASN A 281 0.26 -18.08 4.25
N ALA A 282 -0.72 -18.69 3.58
CA ALA A 282 -0.48 -19.23 2.23
C ALA A 282 -0.05 -18.09 1.28
N TRP A 283 -0.72 -16.96 1.36
CA TRP A 283 -0.43 -15.88 0.39
C TRP A 283 1.00 -15.37 0.62
N SER A 284 1.36 -14.96 1.84
CA SER A 284 2.69 -14.42 2.06
C SER A 284 3.78 -15.49 1.85
N ASN A 285 3.50 -16.75 2.17
CA ASN A 285 4.50 -17.80 1.92
C ASN A 285 4.85 -17.83 0.43
N SER A 286 3.84 -17.82 -0.44
CA SER A 286 4.11 -18.06 -1.88
C SER A 286 4.54 -16.76 -2.54
N VAL A 287 3.77 -15.68 -2.37
CA VAL A 287 4.12 -14.38 -2.98
C VAL A 287 5.41 -13.84 -2.40
N GLY A 288 5.60 -13.96 -1.09
CA GLY A 288 6.87 -13.49 -0.49
C GLY A 288 8.09 -14.19 -1.06
N ALA A 289 8.03 -15.52 -1.15
CA ALA A 289 9.16 -16.28 -1.71
C ALA A 289 9.40 -15.79 -3.15
N HIS A 290 8.31 -15.56 -3.90
CA HIS A 290 8.48 -15.21 -5.32
C HIS A 290 9.08 -13.83 -5.48
N VAL A 291 8.58 -12.87 -4.69
CA VAL A 291 9.08 -11.49 -4.75
C VAL A 291 10.54 -11.43 -4.35
N HIS A 292 10.90 -12.15 -3.27
CA HIS A 292 12.26 -12.12 -2.73
C HIS A 292 13.24 -12.92 -3.59
N ALA A 293 12.70 -13.64 -4.57
CA ALA A 293 13.53 -14.28 -5.60
C ALA A 293 13.67 -13.45 -6.88
N LEU A 294 12.92 -12.34 -7.03
CA LEU A 294 13.10 -11.45 -8.20
C LEU A 294 14.48 -10.80 -8.10
S SO4 B . 10.34 -16.95 10.46
O1 SO4 B . 11.10 -16.13 11.38
O2 SO4 B . 10.67 -18.38 10.56
O3 SO4 B . 8.88 -16.71 10.78
O4 SO4 B . 10.66 -16.57 9.07
#